data_5M5Q
#
_entry.id   5M5Q
#
_cell.length_a   102.365
_cell.length_b   102.365
_cell.length_c   69.048
_cell.angle_alpha   90.00
_cell.angle_beta   90.00
_cell.angle_gamma   90.00
#
_symmetry.space_group_name_H-M   'I 4'
#
loop_
_entity.id
_entity.type
_entity.pdbx_description
1 polymer 'COP9 signalosome complex subunit 5'
2 non-polymer 'ZINC ION'
3 non-polymer 1-[(3~{R})-3-(1~{H}-benzimidazol-2-yl)morpholin-4-yl]-3-[2-(4-methyl-2-phenyl-phenyl)-1~{H}-pyrrolo[2,3-b]pyridin-3-yl]propan-1-one
4 non-polymer (4S)-2-METHYL-2,4-PENTANEDIOL
5 water water
#
_entity_poly.entity_id   1
_entity_poly.type   'polypeptide(L)'
_entity_poly.pdbx_seq_one_letter_code
;GAASGSGMAQKTWELANNMQEAQSIDEIYKYDKKQQQEILAAKPWTKDHHYFKYCKISALALLKMVMHARSGGNLEVMGL
MLGKVDGETMIIMDSFALPVEGTETRVNAQAAAYEYMAAYIENAKQVGRLENAIGWYHSHPGYGCWLSGIDVSTQMLNQQ
FQEPFVAVVIDPTRTISAGKVNLGAFRTYPKGYKPPDEGPSEYQTIPLNKIEDFGVHCKQYYALEVSYFKSSLDRKLLEL
LWNKYWVNTLSSSSLLT
;
_entity_poly.pdbx_strand_id   A
#
# COMPACT_ATOMS: atom_id res chain seq x y z
N SER A 4 -36.60 -37.90 13.83
CA SER A 4 -35.81 -39.04 13.35
C SER A 4 -34.71 -38.57 12.41
N GLY A 5 -33.49 -39.09 12.64
CA GLY A 5 -32.29 -38.71 11.89
C GLY A 5 -31.97 -37.22 12.01
N SER A 6 -32.61 -36.54 12.99
CA SER A 6 -32.50 -35.11 13.29
C SER A 6 -31.09 -34.67 13.69
N GLY A 7 -30.38 -35.53 14.43
CA GLY A 7 -29.02 -35.27 14.89
C GLY A 7 -28.04 -35.31 13.74
N MET A 8 -28.14 -36.37 12.92
CA MET A 8 -27.35 -36.61 11.73
C MET A 8 -27.63 -35.50 10.70
N ALA A 9 -28.91 -35.05 10.59
CA ALA A 9 -29.32 -33.96 9.70
C ALA A 9 -28.57 -32.66 10.04
N GLN A 10 -28.51 -32.31 11.35
CA GLN A 10 -27.81 -31.12 11.89
C GLN A 10 -26.31 -31.15 11.59
N LYS A 11 -25.67 -32.33 11.68
CA LYS A 11 -24.25 -32.53 11.38
C LYS A 11 -23.98 -32.41 9.88
N THR A 12 -24.91 -32.94 9.06
CA THR A 12 -24.84 -32.85 7.60
C THR A 12 -24.98 -31.37 7.19
N TRP A 13 -25.92 -30.65 7.82
CA TRP A 13 -26.19 -29.24 7.58
C TRP A 13 -24.92 -28.40 7.85
N GLU A 14 -24.28 -28.62 9.04
CA GLU A 14 -23.03 -27.98 9.46
C GLU A 14 -21.92 -28.26 8.46
N LEU A 15 -21.80 -29.53 8.00
CA LEU A 15 -20.83 -29.94 6.99
C LEU A 15 -21.04 -29.22 5.66
N ALA A 16 -22.31 -29.07 5.23
CA ALA A 16 -22.67 -28.40 3.98
C ALA A 16 -22.29 -26.92 4.04
N ASN A 17 -22.61 -26.25 5.18
CA ASN A 17 -22.24 -24.85 5.44
C ASN A 17 -20.71 -24.66 5.37
N ASN A 18 -19.94 -25.57 6.01
CA ASN A 18 -18.47 -25.55 5.99
C ASN A 18 -17.90 -25.85 4.62
N MET A 19 -18.51 -26.77 3.86
CA MET A 19 -18.03 -27.10 2.52
C MET A 19 -18.32 -25.99 1.53
N GLN A 20 -19.48 -25.32 1.69
CA GLN A 20 -19.86 -24.22 0.80
C GLN A 20 -19.03 -22.97 1.09
N GLU A 21 -18.75 -22.67 2.39
CA GLU A 21 -17.89 -21.53 2.79
C GLU A 21 -16.51 -21.66 2.15
N ALA A 22 -15.90 -22.87 2.22
CA ALA A 22 -14.60 -23.17 1.61
C ALA A 22 -14.61 -22.94 0.10
N GLN A 23 -15.69 -23.36 -0.59
CA GLN A 23 -15.88 -23.18 -2.04
C GLN A 23 -16.02 -21.69 -2.39
N SER A 24 -16.81 -20.95 -1.61
CA SER A 24 -17.07 -19.53 -1.75
C SER A 24 -15.76 -18.69 -1.63
N ILE A 25 -14.93 -18.97 -0.60
CA ILE A 25 -13.61 -18.32 -0.40
C ILE A 25 -12.75 -18.53 -1.65
N ASP A 26 -12.68 -19.78 -2.16
CA ASP A 26 -11.95 -20.16 -3.36
C ASP A 26 -12.42 -19.42 -4.61
N GLU A 27 -13.74 -19.27 -4.79
CA GLU A 27 -14.34 -18.55 -5.92
C GLU A 27 -14.06 -17.05 -5.82
N ILE A 28 -14.11 -16.50 -4.60
CA ILE A 28 -13.82 -15.07 -4.36
C ILE A 28 -12.36 -14.78 -4.72
N TYR A 29 -11.43 -15.68 -4.29
CA TYR A 29 -10.01 -15.55 -4.58
C TYR A 29 -9.79 -15.52 -6.08
N LYS A 30 -10.30 -16.54 -6.79
CA LYS A 30 -10.21 -16.69 -8.25
C LYS A 30 -10.84 -15.51 -9.00
N TYR A 31 -11.97 -14.97 -8.50
CA TYR A 31 -12.61 -13.80 -9.11
C TYR A 31 -11.73 -12.56 -8.92
N ASP A 32 -11.19 -12.36 -7.69
CA ASP A 32 -10.30 -11.24 -7.36
C ASP A 32 -9.05 -11.29 -8.24
N LYS A 33 -8.48 -12.49 -8.45
CA LYS A 33 -7.28 -12.73 -9.28
C LYS A 33 -7.49 -12.30 -10.74
N LYS A 34 -8.59 -12.76 -11.38
CA LYS A 34 -8.92 -12.41 -12.77
C LYS A 34 -9.17 -10.94 -12.90
N GLN A 35 -9.91 -10.35 -11.95
CA GLN A 35 -10.24 -8.92 -11.89
C GLN A 35 -8.97 -8.08 -11.82
N GLN A 36 -8.00 -8.50 -10.99
CA GLN A 36 -6.72 -7.82 -10.80
C GLN A 36 -5.86 -7.91 -12.07
N GLN A 37 -5.77 -9.11 -12.66
CA GLN A 37 -5.09 -9.35 -13.93
C GLN A 37 -5.65 -8.46 -15.05
N GLU A 38 -6.99 -8.22 -15.05
CA GLU A 38 -7.68 -7.38 -16.03
C GLU A 38 -7.33 -5.91 -15.87
N ILE A 39 -7.38 -5.41 -14.63
CA ILE A 39 -7.04 -4.01 -14.29
C ILE A 39 -5.58 -3.77 -14.69
N LEU A 40 -4.69 -4.75 -14.40
CA LEU A 40 -3.26 -4.67 -14.73
C LEU A 40 -2.98 -4.68 -16.24
N ALA A 41 -3.87 -5.30 -17.03
CA ALA A 41 -3.75 -5.35 -18.48
C ALA A 41 -4.23 -4.03 -19.08
N ALA A 42 -5.27 -3.41 -18.50
CA ALA A 42 -5.80 -2.13 -18.96
C ALA A 42 -4.89 -0.95 -18.66
N LYS A 43 -4.18 -0.96 -17.48
CA LYS A 43 -3.28 0.11 -17.02
C LYS A 43 -3.89 1.53 -17.19
N PRO A 44 -5.13 1.85 -16.71
CA PRO A 44 -5.68 3.21 -16.94
C PRO A 44 -4.82 4.37 -16.43
N TRP A 45 -3.93 4.08 -15.47
CA TRP A 45 -3.02 5.04 -14.85
C TRP A 45 -1.92 5.54 -15.79
N THR A 46 -1.54 4.76 -16.85
CA THR A 46 -0.50 5.15 -17.83
C THR A 46 -0.94 6.34 -18.71
N LYS A 47 -2.26 6.54 -18.88
CA LYS A 47 -2.83 7.62 -19.68
C LYS A 47 -3.21 8.83 -18.79
N ASP A 48 -3.94 8.59 -17.67
CA ASP A 48 -4.35 9.62 -16.70
C ASP A 48 -3.26 9.72 -15.61
N HIS A 49 -2.52 10.83 -15.60
CA HIS A 49 -1.43 11.09 -14.65
C HIS A 49 -1.91 11.43 -13.21
N HIS A 50 -3.24 11.53 -13.03
CA HIS A 50 -3.90 11.78 -11.74
C HIS A 50 -4.97 10.70 -11.48
N TYR A 51 -4.76 9.50 -12.07
CA TYR A 51 -5.69 8.38 -11.97
C TYR A 51 -5.93 7.93 -10.52
N PHE A 52 -4.83 7.61 -9.81
CA PHE A 52 -4.97 7.15 -8.44
C PHE A 52 -5.24 8.33 -7.54
N LYS A 53 -6.26 8.22 -6.70
CA LYS A 53 -6.65 9.34 -5.83
C LYS A 53 -6.81 8.92 -4.36
N TYR A 54 -7.03 7.62 -4.11
CA TYR A 54 -7.29 7.12 -2.78
C TYR A 54 -6.32 6.03 -2.38
N CYS A 55 -6.06 5.93 -1.07
CA CYS A 55 -5.19 4.90 -0.48
C CYS A 55 -5.80 4.38 0.82
N LYS A 56 -6.27 3.13 0.80
CA LYS A 56 -6.88 2.44 1.92
C LYS A 56 -5.84 1.53 2.56
N ILE A 57 -5.48 1.80 3.82
CA ILE A 57 -4.46 1.05 4.54
C ILE A 57 -5.06 0.20 5.65
N SER A 58 -4.73 -1.11 5.70
CA SER A 58 -5.21 -1.93 6.80
C SER A 58 -4.53 -1.51 8.15
N ALA A 59 -5.19 -1.81 9.29
CA ALA A 59 -4.65 -1.50 10.63
C ALA A 59 -3.39 -2.31 10.87
N LEU A 60 -3.35 -3.55 10.34
CA LEU A 60 -2.20 -4.45 10.44
C LEU A 60 -0.95 -3.88 9.73
N ALA A 61 -1.11 -3.39 8.47
CA ALA A 61 0.00 -2.78 7.71
C ALA A 61 0.47 -1.51 8.45
N LEU A 62 -0.47 -0.68 8.93
CA LEU A 62 -0.17 0.52 9.70
C LEU A 62 0.62 0.19 10.99
N LEU A 63 0.14 -0.79 11.79
CA LEU A 63 0.77 -1.26 13.03
C LEU A 63 2.25 -1.69 12.78
N LYS A 64 2.46 -2.53 11.75
CA LYS A 64 3.78 -3.01 11.39
C LYS A 64 4.69 -1.87 10.90
N MET A 65 4.15 -0.94 10.10
CA MET A 65 4.94 0.21 9.59
C MET A 65 5.36 1.16 10.69
N VAL A 66 4.43 1.46 11.63
CA VAL A 66 4.71 2.38 12.74
C VAL A 66 5.75 1.76 13.68
N MET A 67 5.62 0.45 13.97
CA MET A 67 6.59 -0.28 14.82
C MET A 67 7.97 -0.27 14.17
N HIS A 68 8.04 -0.53 12.86
CA HIS A 68 9.32 -0.47 12.15
C HIS A 68 9.90 0.96 12.18
N ALA A 69 9.06 1.97 11.91
CA ALA A 69 9.48 3.37 11.90
C ALA A 69 10.01 3.81 13.29
N ARG A 70 9.28 3.43 14.38
CA ARG A 70 9.65 3.70 15.77
C ARG A 70 10.98 3.04 16.16
N SER A 71 11.21 1.79 15.72
CA SER A 71 12.44 1.04 15.98
C SER A 71 13.70 1.68 15.39
N GLY A 72 13.57 2.48 14.32
CA GLY A 72 14.69 3.17 13.69
C GLY A 72 15.25 4.34 14.50
N GLY A 73 14.43 4.89 15.39
CA GLY A 73 14.79 6.05 16.19
C GLY A 73 14.90 7.30 15.33
N ASN A 74 16.10 7.85 15.25
CA ASN A 74 16.44 9.06 14.48
C ASN A 74 16.87 8.68 13.03
N LEU A 75 17.05 7.37 12.77
CA LEU A 75 17.42 6.84 11.47
C LEU A 75 16.16 6.45 10.65
N GLU A 76 16.22 6.71 9.32
CA GLU A 76 15.20 6.34 8.34
C GLU A 76 15.27 4.83 8.16
N VAL A 77 14.10 4.19 8.08
CA VAL A 77 13.98 2.74 7.81
C VAL A 77 13.04 2.60 6.59
N MET A 78 13.04 1.43 5.96
CA MET A 78 12.15 1.22 4.83
C MET A 78 11.66 -0.21 4.74
N GLY A 79 10.61 -0.39 3.96
CA GLY A 79 10.06 -1.71 3.69
C GLY A 79 9.15 -1.72 2.48
N LEU A 80 8.55 -2.88 2.25
CA LEU A 80 7.68 -3.09 1.09
C LEU A 80 6.25 -3.31 1.52
N MET A 81 5.30 -2.95 0.66
CA MET A 81 3.89 -3.11 0.95
C MET A 81 3.17 -4.04 -0.05
N LEU A 82 2.17 -4.80 0.47
CA LEU A 82 1.33 -5.72 -0.33
C LEU A 82 -0.10 -5.24 -0.32
N GLY A 83 -0.75 -5.38 -1.46
CA GLY A 83 -2.15 -4.98 -1.61
C GLY A 83 -2.63 -5.20 -3.02
N LYS A 84 -3.50 -4.31 -3.49
CA LYS A 84 -4.06 -4.39 -4.83
C LYS A 84 -4.71 -3.07 -5.21
N VAL A 85 -5.16 -2.98 -6.47
CA VAL A 85 -5.84 -1.82 -7.05
C VAL A 85 -7.36 -2.09 -7.08
N ASP A 86 -8.17 -1.06 -6.84
CA ASP A 86 -9.62 -1.11 -6.92
C ASP A 86 -10.07 0.25 -7.44
N GLY A 87 -10.07 0.40 -8.76
CA GLY A 87 -10.43 1.65 -9.39
C GLY A 87 -9.32 2.68 -9.17
N GLU A 88 -9.69 3.86 -8.68
CA GLU A 88 -8.73 4.93 -8.40
C GLU A 88 -8.14 4.79 -6.98
N THR A 89 -8.40 3.65 -6.30
CA THR A 89 -7.96 3.33 -4.95
C THR A 89 -6.84 2.29 -4.90
N MET A 90 -5.75 2.64 -4.18
CA MET A 90 -4.65 1.71 -3.90
C MET A 90 -4.85 1.13 -2.49
N ILE A 91 -5.00 -0.18 -2.39
CA ILE A 91 -5.28 -0.85 -1.14
C ILE A 91 -3.99 -1.47 -0.59
N ILE A 92 -3.60 -1.09 0.63
CA ILE A 92 -2.43 -1.64 1.29
C ILE A 92 -2.97 -2.58 2.37
N MET A 93 -2.68 -3.86 2.22
CA MET A 93 -3.17 -4.91 3.10
C MET A 93 -2.15 -5.38 4.11
N ASP A 94 -0.88 -5.36 3.72
CA ASP A 94 0.23 -5.83 4.55
C ASP A 94 1.53 -5.13 4.15
N SER A 95 2.57 -5.35 4.97
CA SER A 95 3.90 -4.77 4.81
C SER A 95 4.93 -5.61 5.51
N PHE A 96 6.18 -5.46 5.10
CA PHE A 96 7.33 -6.11 5.74
C PHE A 96 8.53 -5.18 5.64
N ALA A 97 9.28 -5.17 6.73
CA ALA A 97 10.51 -4.41 6.93
C ALA A 97 11.59 -4.90 6.00
N LEU A 98 12.50 -3.99 5.58
CA LEU A 98 13.70 -4.32 4.81
C LEU A 98 14.97 -3.97 5.67
N PRO A 99 16.07 -4.77 5.66
CA PRO A 99 16.35 -6.00 4.86
C PRO A 99 15.55 -7.22 5.31
N ALA A 109 20.47 -7.53 -0.87
CA ALA A 109 19.16 -7.25 -0.27
C ALA A 109 17.99 -7.39 -1.26
N GLN A 110 18.28 -7.34 -2.59
CA GLN A 110 17.29 -7.44 -3.68
C GLN A 110 16.67 -8.83 -3.76
N ALA A 111 17.50 -9.88 -3.69
CA ALA A 111 17.06 -11.28 -3.73
C ALA A 111 16.23 -11.59 -2.49
N ALA A 112 16.62 -11.03 -1.33
CA ALA A 112 15.95 -11.17 -0.04
C ALA A 112 14.56 -10.53 -0.09
N ALA A 113 14.47 -9.31 -0.70
CA ALA A 113 13.22 -8.56 -0.89
C ALA A 113 12.28 -9.34 -1.81
N TYR A 114 12.83 -10.02 -2.84
CA TYR A 114 12.08 -10.86 -3.78
C TYR A 114 11.49 -12.08 -3.07
N GLU A 115 12.31 -12.82 -2.30
CA GLU A 115 11.95 -14.06 -1.58
C GLU A 115 10.91 -13.88 -0.46
N TYR A 116 10.89 -12.69 0.19
CA TYR A 116 9.92 -12.37 1.24
C TYR A 116 8.57 -12.03 0.58
N MET A 117 8.62 -11.21 -0.50
CA MET A 117 7.47 -10.79 -1.31
C MET A 117 6.71 -12.04 -1.80
N ALA A 118 7.43 -13.02 -2.34
CA ALA A 118 6.86 -14.28 -2.80
C ALA A 118 6.23 -15.08 -1.67
N ALA A 119 6.88 -15.11 -0.47
CA ALA A 119 6.41 -15.83 0.72
C ALA A 119 5.14 -15.23 1.32
N TYR A 120 5.02 -13.89 1.32
CA TYR A 120 3.85 -13.17 1.84
C TYR A 120 2.60 -13.41 0.95
N ILE A 121 2.77 -13.39 -0.39
CA ILE A 121 1.70 -13.64 -1.37
C ILE A 121 1.10 -15.07 -1.18
N GLU A 122 1.98 -16.10 -1.06
CA GLU A 122 1.62 -17.52 -0.85
C GLU A 122 0.90 -17.72 0.45
N ASN A 123 1.37 -17.07 1.53
CA ASN A 123 0.76 -17.14 2.86
C ASN A 123 -0.65 -16.56 2.85
N ALA A 124 -0.87 -15.47 2.10
CA ALA A 124 -2.17 -14.83 1.98
C ALA A 124 -3.14 -15.68 1.11
N LYS A 125 -2.59 -16.34 0.05
CA LYS A 125 -3.32 -17.19 -0.90
C LYS A 125 -3.94 -18.39 -0.14
N GLN A 126 -3.17 -18.97 0.83
CA GLN A 126 -3.58 -20.07 1.70
C GLN A 126 -4.86 -19.74 2.49
N VAL A 127 -5.02 -18.47 2.93
CA VAL A 127 -6.23 -18.03 3.65
C VAL A 127 -7.22 -17.35 2.67
N GLY A 128 -7.03 -17.60 1.37
CA GLY A 128 -7.89 -17.10 0.30
C GLY A 128 -7.87 -15.60 0.02
N ARG A 129 -6.76 -14.88 0.35
CA ARG A 129 -6.71 -13.46 0.03
C ARG A 129 -5.65 -13.16 -1.04
N LEU A 130 -6.09 -12.43 -2.04
CA LEU A 130 -5.28 -12.03 -3.18
C LEU A 130 -4.52 -10.73 -2.82
N GLU A 131 -3.19 -10.75 -2.98
CA GLU A 131 -2.38 -9.55 -2.77
C GLU A 131 -1.09 -9.66 -3.58
N ASN A 132 -0.52 -8.52 -3.91
CA ASN A 132 0.73 -8.46 -4.64
C ASN A 132 1.49 -7.21 -4.19
N ALA A 133 2.73 -7.03 -4.67
CA ALA A 133 3.52 -5.81 -4.43
C ALA A 133 2.69 -4.60 -4.88
N ILE A 134 2.55 -3.60 -4.01
CA ILE A 134 1.75 -2.40 -4.29
C ILE A 134 2.55 -1.10 -4.04
N GLY A 135 3.68 -1.20 -3.33
CA GLY A 135 4.45 0.00 -2.99
C GLY A 135 5.57 -0.20 -2.01
N TRP A 136 6.16 0.93 -1.61
CA TRP A 136 7.23 0.97 -0.63
C TRP A 136 6.92 2.04 0.39
N TYR A 137 7.42 1.85 1.61
CA TYR A 137 7.25 2.84 2.66
C TYR A 137 8.63 3.18 3.23
N HIS A 138 8.74 4.33 3.84
CA HIS A 138 9.94 4.76 4.52
C HIS A 138 9.59 5.87 5.48
N SER A 139 10.44 6.05 6.49
CA SER A 139 10.24 7.02 7.55
C SER A 139 11.09 8.27 7.36
N HIS A 140 10.53 9.40 7.83
CA HIS A 140 11.15 10.73 7.90
C HIS A 140 11.05 11.07 9.38
N PRO A 141 11.89 10.44 10.26
CA PRO A 141 11.73 10.68 11.71
C PRO A 141 12.03 12.12 12.14
N GLY A 142 10.96 12.81 12.49
CA GLY A 142 11.04 14.19 12.96
C GLY A 142 11.04 15.29 11.91
N TYR A 143 10.64 14.97 10.66
CA TYR A 143 10.60 16.00 9.64
C TYR A 143 9.45 15.86 8.60
N GLY A 144 8.36 15.23 9.01
CA GLY A 144 7.14 15.12 8.22
C GLY A 144 7.11 14.25 6.98
N CYS A 145 5.90 14.14 6.40
CA CYS A 145 5.57 13.30 5.25
C CYS A 145 5.50 14.07 3.94
N TRP A 146 6.45 13.77 3.05
CA TRP A 146 6.65 14.39 1.74
C TRP A 146 7.74 13.58 1.04
N LEU A 147 7.99 13.84 -0.27
CA LEU A 147 9.04 13.16 -1.00
C LEU A 147 10.24 14.08 -1.15
N SER A 148 11.39 13.59 -0.75
CA SER A 148 12.63 14.32 -0.87
C SER A 148 13.12 14.12 -2.33
N GLY A 149 14.21 14.81 -2.69
CA GLY A 149 14.82 14.70 -4.03
C GLY A 149 15.03 13.26 -4.44
N ILE A 150 15.67 12.47 -3.58
CA ILE A 150 15.94 11.05 -3.80
C ILE A 150 14.63 10.22 -3.87
N ASP A 151 13.57 10.64 -3.18
CA ASP A 151 12.30 9.92 -3.17
C ASP A 151 11.55 10.11 -4.46
N VAL A 152 11.58 11.35 -4.98
CA VAL A 152 10.94 11.72 -6.23
C VAL A 152 11.59 10.97 -7.38
N SER A 153 12.92 10.93 -7.42
CA SER A 153 13.64 10.20 -8.48
C SER A 153 13.43 8.70 -8.40
N THR A 154 13.35 8.14 -7.17
CA THR A 154 13.11 6.71 -6.96
C THR A 154 11.65 6.37 -7.35
N GLN A 155 10.69 7.18 -6.90
CA GLN A 155 9.29 6.89 -7.18
C GLN A 155 8.95 7.04 -8.69
N MET A 156 9.61 7.98 -9.43
CA MET A 156 9.42 8.13 -10.90
C MET A 156 9.85 6.85 -11.63
N LEU A 157 11.01 6.27 -11.23
CA LEU A 157 11.51 5.01 -11.75
C LEU A 157 10.55 3.87 -11.39
N ASN A 158 9.95 3.92 -10.16
CA ASN A 158 8.99 2.91 -9.71
C ASN A 158 7.73 2.97 -10.55
N GLN A 159 7.26 4.17 -10.91
CA GLN A 159 6.05 4.32 -11.73
C GLN A 159 6.30 4.04 -13.24
N GLN A 160 7.52 3.66 -13.60
CA GLN A 160 7.93 3.22 -14.94
C GLN A 160 8.15 1.71 -14.92
N PHE A 161 8.71 1.18 -13.82
CA PHE A 161 9.11 -0.23 -13.71
C PHE A 161 8.25 -1.11 -12.77
N GLN A 162 7.89 -0.59 -11.58
CA GLN A 162 7.16 -1.34 -10.56
C GLN A 162 5.65 -1.13 -10.60
N GLU A 163 5.18 -0.36 -11.55
CA GLU A 163 3.81 0.12 -11.69
C GLU A 163 2.73 -1.00 -11.66
N PRO A 164 1.57 -0.88 -10.95
CA PRO A 164 1.11 0.20 -10.04
C PRO A 164 1.86 0.20 -8.69
N PHE A 165 2.43 1.35 -8.33
CA PHE A 165 3.26 1.43 -7.14
C PHE A 165 3.09 2.75 -6.46
N VAL A 166 2.91 2.72 -5.12
CA VAL A 166 2.72 3.92 -4.30
C VAL A 166 3.89 4.10 -3.30
N ALA A 167 4.23 5.34 -2.98
CA ALA A 167 5.27 5.72 -2.03
C ALA A 167 4.61 6.21 -0.72
N VAL A 168 4.72 5.42 0.35
CA VAL A 168 4.20 5.82 1.67
C VAL A 168 5.35 6.39 2.51
N VAL A 169 5.12 7.53 3.13
CA VAL A 169 6.07 8.17 4.05
C VAL A 169 5.43 8.27 5.44
N ILE A 170 6.13 7.80 6.49
CA ILE A 170 5.65 7.83 7.88
C ILE A 170 6.61 8.67 8.72
N ASP A 171 6.06 9.52 9.62
CA ASP A 171 6.85 10.30 10.58
C ASP A 171 6.42 9.77 11.96
N PRO A 172 7.22 8.82 12.54
CA PRO A 172 6.80 8.19 13.80
C PRO A 172 6.95 9.05 15.05
N THR A 173 7.64 10.19 14.96
CA THR A 173 7.91 11.07 16.12
C THR A 173 6.69 11.84 16.60
N ARG A 174 5.85 12.33 15.66
CA ARG A 174 4.64 13.10 15.94
C ARG A 174 3.41 12.42 15.32
N LYS A 180 -0.42 12.63 16.56
CA LYS A 180 -1.35 12.43 15.45
C LYS A 180 -0.88 11.35 14.44
N VAL A 181 -1.72 11.03 13.44
CA VAL A 181 -1.42 10.06 12.37
C VAL A 181 -0.65 10.77 11.25
N ASN A 182 0.68 10.70 11.36
CA ASN A 182 1.63 11.32 10.45
C ASN A 182 2.08 10.32 9.36
N LEU A 183 1.18 10.08 8.39
CA LEU A 183 1.44 9.19 7.25
C LEU A 183 0.94 9.87 5.95
N GLY A 184 1.76 9.78 4.91
CA GLY A 184 1.42 10.30 3.58
C GLY A 184 1.57 9.22 2.54
N ALA A 185 0.70 9.23 1.51
CA ALA A 185 0.73 8.30 0.36
C ALA A 185 0.84 9.17 -0.91
N PHE A 186 1.87 8.91 -1.73
CA PHE A 186 2.14 9.78 -2.87
C PHE A 186 2.35 9.08 -4.18
N ARG A 187 2.08 9.83 -5.25
CA ARG A 187 2.29 9.41 -6.62
C ARG A 187 2.98 10.51 -7.37
N THR A 188 4.10 10.19 -7.99
CA THR A 188 4.82 11.17 -8.78
C THR A 188 4.11 11.45 -10.13
N TYR A 189 4.54 12.52 -10.78
CA TYR A 189 4.12 12.92 -12.12
C TYR A 189 5.29 12.53 -13.02
N PRO A 190 5.06 12.12 -14.29
CA PRO A 190 6.22 11.75 -15.13
C PRO A 190 7.04 12.97 -15.56
N LYS A 191 8.30 12.74 -15.99
CA LYS A 191 9.22 13.79 -16.47
C LYS A 191 8.60 14.46 -17.71
N GLY A 192 8.55 15.79 -17.66
CA GLY A 192 7.97 16.59 -18.74
C GLY A 192 6.54 17.03 -18.46
N TYR A 193 5.81 16.27 -17.61
CA TYR A 193 4.44 16.61 -17.25
C TYR A 193 4.37 17.74 -16.25
N LYS A 194 3.45 18.69 -16.49
CA LYS A 194 3.18 19.84 -15.64
C LYS A 194 1.72 19.77 -15.13
N PRO A 195 1.49 19.69 -13.80
CA PRO A 195 0.11 19.62 -13.30
C PRO A 195 -0.60 20.99 -13.32
N PRO A 196 -1.94 21.05 -13.28
CA PRO A 196 -2.62 22.35 -13.31
C PRO A 196 -2.79 23.05 -11.95
N ASP A 197 -2.49 24.37 -11.92
CA ASP A 197 -2.61 25.36 -10.83
C ASP A 197 -1.67 25.13 -9.62
N GLU A 198 -2.24 25.06 -8.39
CA GLU A 198 -1.54 24.92 -7.11
C GLU A 198 -2.10 23.76 -6.26
N GLY A 199 -1.36 23.35 -5.24
CA GLY A 199 -1.76 22.30 -4.32
C GLY A 199 -0.94 22.17 -3.04
N PRO A 200 -0.98 23.16 -2.10
CA PRO A 200 -0.21 23.00 -0.85
C PRO A 200 -0.90 22.09 0.19
N SER A 201 -2.22 21.80 -0.03
CA SER A 201 -3.10 20.95 0.78
C SER A 201 -3.13 21.38 2.27
N GLU A 202 -2.86 20.45 3.20
CA GLU A 202 -2.82 20.70 4.64
C GLU A 202 -1.44 21.25 5.01
N TYR A 203 -1.34 21.91 6.19
CA TYR A 203 -0.07 22.49 6.66
C TYR A 203 0.80 21.44 7.36
N GLN A 204 2.11 21.56 7.15
CA GLN A 204 3.12 20.70 7.78
C GLN A 204 4.36 21.51 8.11
N THR A 205 4.76 21.45 9.38
CA THR A 205 5.97 22.12 9.84
C THR A 205 7.17 21.21 9.53
N ILE A 206 8.12 21.74 8.73
CA ILE A 206 9.32 21.02 8.27
C ILE A 206 10.56 21.80 8.75
N PRO A 207 11.68 21.14 9.14
CA PRO A 207 12.88 21.91 9.53
C PRO A 207 13.39 22.83 8.42
N LEU A 208 14.03 23.95 8.79
CA LEU A 208 14.57 24.91 7.84
C LEU A 208 15.62 24.29 6.90
N ASN A 209 16.48 23.37 7.42
CA ASN A 209 17.52 22.70 6.66
C ASN A 209 16.95 21.69 5.62
N LYS A 210 15.63 21.47 5.61
CA LYS A 210 14.95 20.56 4.68
C LYS A 210 14.03 21.32 3.69
N ILE A 211 13.64 22.58 4.01
CA ILE A 211 12.63 23.33 3.25
C ILE A 211 12.99 23.57 1.76
N GLU A 212 14.27 23.71 1.43
CA GLU A 212 14.71 23.91 0.06
C GLU A 212 14.47 22.62 -0.77
N ASP A 213 14.98 21.46 -0.28
CA ASP A 213 14.79 20.16 -0.93
C ASP A 213 13.31 19.87 -1.09
N PHE A 214 12.51 20.26 -0.10
CA PHE A 214 11.07 20.12 -0.17
C PHE A 214 10.52 20.95 -1.36
N GLY A 215 10.84 22.25 -1.39
CA GLY A 215 10.38 23.20 -2.40
C GLY A 215 10.82 22.90 -3.82
N VAL A 216 12.07 22.48 -4.00
CA VAL A 216 12.64 22.12 -5.31
C VAL A 216 11.84 20.96 -5.97
N HIS A 217 11.22 20.06 -5.14
CA HIS A 217 10.54 18.88 -5.67
C HIS A 217 9.04 18.75 -5.36
N CYS A 218 8.43 19.72 -4.67
CA CYS A 218 7.02 19.64 -4.22
C CYS A 218 5.94 19.58 -5.32
N LYS A 219 6.25 19.98 -6.58
CA LYS A 219 5.24 19.97 -7.67
C LYS A 219 5.36 18.73 -8.57
N GLN A 220 6.40 17.91 -8.36
CA GLN A 220 6.73 16.69 -9.09
C GLN A 220 5.91 15.44 -8.64
N TYR A 221 4.95 15.62 -7.71
CA TYR A 221 4.10 14.57 -7.15
C TYR A 221 2.90 15.17 -6.47
N TYR A 222 1.98 14.32 -6.01
CA TYR A 222 0.77 14.72 -5.29
C TYR A 222 0.41 13.70 -4.22
N ALA A 223 -0.48 14.08 -3.32
CA ALA A 223 -0.91 13.22 -2.22
C ALA A 223 -2.22 12.54 -2.52
N LEU A 224 -2.32 11.26 -2.11
CA LEU A 224 -3.54 10.46 -2.21
C LEU A 224 -4.33 10.68 -0.93
N GLU A 225 -5.64 10.46 -1.01
CA GLU A 225 -6.52 10.61 0.13
C GLU A 225 -6.43 9.33 0.94
N VAL A 226 -5.73 9.40 2.07
CA VAL A 226 -5.50 8.26 2.96
C VAL A 226 -6.69 7.96 3.85
N SER A 227 -7.10 6.68 3.90
CA SER A 227 -8.15 6.18 4.79
C SER A 227 -7.68 4.82 5.35
N TYR A 228 -8.19 4.44 6.53
CA TYR A 228 -7.80 3.23 7.21
C TYR A 228 -8.97 2.30 7.41
N PHE A 229 -8.73 0.98 7.29
CA PHE A 229 -9.74 -0.06 7.45
C PHE A 229 -9.22 -1.22 8.30
N LYS A 230 -10.15 -2.01 8.86
CA LYS A 230 -9.86 -3.19 9.66
C LYS A 230 -10.53 -4.39 9.00
N SER A 231 -9.73 -5.37 8.58
CA SER A 231 -10.22 -6.59 7.93
C SER A 231 -10.58 -7.63 9.00
N SER A 232 -11.44 -8.61 8.65
CA SER A 232 -11.87 -9.68 9.55
C SER A 232 -10.69 -10.53 10.01
N LEU A 233 -9.76 -10.82 9.06
CA LEU A 233 -8.53 -11.57 9.27
C LEU A 233 -7.56 -10.74 10.12
N ASP A 234 -7.59 -9.40 9.95
CA ASP A 234 -6.75 -8.41 10.65
C ASP A 234 -7.22 -8.11 12.09
N ARG A 235 -8.35 -8.70 12.54
CA ARG A 235 -8.92 -8.53 13.89
C ARG A 235 -8.07 -9.20 15.01
N LYS A 236 -6.84 -9.65 14.67
CA LYS A 236 -5.88 -10.30 15.58
C LYS A 236 -5.21 -9.27 16.49
#